data_5HA6
#
_entry.id   5HA6
#
_cell.length_a   48.118
_cell.length_b   48.118
_cell.length_c   378.911
_cell.angle_alpha   90.000
_cell.angle_beta   90.000
_cell.angle_gamma   120.000
#
_symmetry.space_group_name_H-M   'H 3 2'
#
loop_
_entity.id
_entity.type
_entity.pdbx_description
1 polymer Syncytin-1
2 non-polymer 'CHLORIDE ION'
3 water water
#
_entity_poly.entity_id   1
_entity_poly.type   'polypeptide(L)'
_entity_poly.pdbx_seq_one_letter_code
;MAHHHHHHVDDDDKMLVPRGSSGGSTQFYYKLSQELNGDMERVADSLVTLQDQLNSLAAVVLQNRRALDLLTAERGGTCL
FLGEECSYYVNQSGIVTEKVKEIRDRIQRRAEELRNT
;
_entity_poly.pdbx_strand_id   A,B
#
# COMPACT_ATOMS: atom_id res chain seq x y z
N GLY A 24 3.13 19.01 -7.32
CA GLY A 24 2.78 17.56 -7.44
C GLY A 24 1.64 17.13 -6.53
N SER A 25 0.40 17.26 -7.04
CA SER A 25 -0.79 16.86 -6.27
C SER A 25 -0.89 15.34 -6.19
N THR A 26 -1.02 14.72 -7.35
CA THR A 26 -0.90 13.27 -7.51
C THR A 26 0.19 12.69 -6.60
N GLN A 27 1.34 13.35 -6.66
CA GLN A 27 2.51 12.91 -5.92
C GLN A 27 2.23 12.95 -4.42
N PHE A 28 1.58 14.00 -3.94
CA PHE A 28 1.39 14.09 -2.51
C PHE A 28 0.37 13.06 -2.10
N TYR A 29 -0.54 12.75 -2.98
CA TYR A 29 -1.47 11.70 -2.68
C TYR A 29 -0.79 10.35 -2.55
N TYR A 30 0.05 10.00 -3.52
CA TYR A 30 0.81 8.72 -3.39
C TYR A 30 1.67 8.71 -2.12
N LYS A 31 2.34 9.83 -1.88
CA LYS A 31 3.26 9.91 -0.77
C LYS A 31 2.55 9.68 0.56
N LEU A 32 1.51 10.42 0.79
CA LEU A 32 0.76 10.32 2.01
C LEU A 32 0.10 8.97 2.17
N SER A 33 -0.44 8.42 1.10
CA SER A 33 -1.00 7.07 1.15
C SER A 33 0.06 6.05 1.60
N GLN A 34 1.26 6.16 1.05
CA GLN A 34 2.33 5.22 1.50
C GLN A 34 2.84 5.51 2.91
N GLU A 35 2.89 6.76 3.31
CA GLU A 35 3.19 7.04 4.74
C GLU A 35 2.16 6.38 5.71
N LEU A 36 0.89 6.63 5.44
CA LEU A 36 -0.19 6.01 6.17
C LEU A 36 0.01 4.50 6.18
N ASN A 37 0.17 3.90 5.01
CA ASN A 37 0.35 2.44 4.94
C ASN A 37 1.51 1.93 5.79
N GLY A 38 2.67 2.59 5.69
CA GLY A 38 3.81 2.12 6.50
C GLY A 38 3.64 2.29 8.03
N ASP A 39 3.00 3.37 8.46
CA ASP A 39 2.65 3.48 9.88
C ASP A 39 1.66 2.36 10.29
N MET A 40 0.59 2.17 9.52
CA MET A 40 -0.41 1.17 9.86
C MET A 40 0.07 -0.28 9.83
N GLU A 41 1.03 -0.60 8.98
CA GLU A 41 1.64 -1.92 9.04
C GLU A 41 2.25 -2.16 10.43
N ARG A 42 2.91 -1.13 10.98
CA ARG A 42 3.55 -1.26 12.29
C ARG A 42 2.52 -1.25 13.43
N VAL A 43 1.49 -0.39 13.34
CA VAL A 43 0.38 -0.52 14.30
C VAL A 43 -0.26 -1.94 14.29
N ALA A 44 -0.63 -2.45 13.12
CA ALA A 44 -1.22 -3.76 13.05
C ALA A 44 -0.31 -4.81 13.68
N ASP A 45 0.97 -4.77 13.30
CA ASP A 45 1.93 -5.68 13.92
C ASP A 45 1.89 -5.62 15.45
N SER A 46 1.86 -4.39 15.97
CA SER A 46 1.82 -4.19 17.41
C SER A 46 0.56 -4.75 18.04
N LEU A 47 -0.59 -4.48 17.42
CA LEU A 47 -1.86 -4.99 17.94
C LEU A 47 -1.82 -6.51 18.01
N VAL A 48 -1.28 -7.14 16.95
CA VAL A 48 -1.20 -8.59 16.93
C VAL A 48 -0.35 -9.10 18.05
N THR A 49 0.78 -8.43 18.26
CA THR A 49 1.65 -8.88 19.31
C THR A 49 1.11 -8.68 20.72
N LEU A 50 0.43 -7.57 20.95
CA LEU A 50 -0.23 -7.38 22.23
C LEU A 50 -1.27 -8.47 22.46
N GLN A 51 -2.06 -8.78 21.44
CA GLN A 51 -3.02 -9.90 21.57
C GLN A 51 -2.37 -11.26 21.80
N ASP A 52 -1.26 -11.52 21.10
CA ASP A 52 -0.53 -12.74 21.33
C ASP A 52 -0.10 -12.81 22.79
N GLN A 53 0.42 -11.71 23.35
CA GLN A 53 0.84 -11.77 24.76
C GLN A 53 -0.33 -11.95 25.73
N LEU A 54 -1.45 -11.27 25.52
CA LEU A 54 -2.65 -11.63 26.29
C LEU A 54 -3.03 -13.11 26.23
N ASN A 55 -3.08 -13.67 25.03
CA ASN A 55 -3.35 -15.10 24.88
C ASN A 55 -2.33 -15.94 25.66
N SER A 56 -1.06 -15.59 25.54
CA SER A 56 0.00 -16.35 26.24
C SER A 56 -0.20 -16.27 27.77
N LEU A 57 -0.41 -15.07 28.26
CA LEU A 57 -0.53 -14.83 29.68
C LEU A 57 -1.79 -15.46 30.24
N ALA A 58 -2.87 -15.39 29.48
CA ALA A 58 -4.13 -15.96 29.94
C ALA A 58 -3.99 -17.46 30.17
N ALA A 59 -3.22 -18.17 29.35
CA ALA A 59 -3.08 -19.62 29.56
C ALA A 59 -2.43 -19.90 30.91
N VAL A 60 -1.43 -19.10 31.27
CA VAL A 60 -0.79 -19.21 32.56
C VAL A 60 -1.74 -18.85 33.70
N VAL A 61 -2.50 -17.76 33.54
CA VAL A 61 -3.45 -17.37 34.59
C VAL A 61 -4.50 -18.43 34.82
N LEU A 62 -5.00 -19.04 33.75
CA LEU A 62 -6.03 -20.02 33.93
C LEU A 62 -5.50 -21.37 34.43
N GLN A 63 -4.27 -21.73 34.05
CA GLN A 63 -3.61 -22.84 34.71
C GLN A 63 -3.43 -22.59 36.21
N ASN A 64 -3.02 -21.37 36.57
CA ASN A 64 -2.98 -20.98 37.98
C ASN A 64 -4.34 -21.16 38.67
N ARG A 65 -5.41 -20.64 38.05
CA ARG A 65 -6.79 -20.86 38.57
C ARG A 65 -7.14 -22.33 38.74
N ARG A 66 -6.84 -23.16 37.75
CA ARG A 66 -7.20 -24.60 37.88
C ARG A 66 -6.43 -25.27 39.05
N ALA A 67 -5.16 -24.91 39.18
CA ALA A 67 -4.35 -25.35 40.33
C ALA A 67 -5.00 -24.91 41.67
N LEU A 68 -5.35 -23.62 41.77
CA LEU A 68 -6.07 -23.16 42.93
C LEU A 68 -7.41 -23.88 43.16
N ASP A 69 -8.15 -24.19 42.10
CA ASP A 69 -9.42 -24.89 42.25
C ASP A 69 -9.18 -26.26 42.86
N LEU A 70 -8.14 -26.95 42.41
CA LEU A 70 -7.77 -28.19 43.12
C LEU A 70 -7.33 -28.06 44.59
N LEU A 71 -6.47 -27.10 44.86
CA LEU A 71 -6.03 -26.85 46.25
C LEU A 71 -7.18 -26.48 47.16
N THR A 72 -8.19 -25.79 46.63
CA THR A 72 -9.29 -25.38 47.49
C THR A 72 -10.56 -26.20 47.24
N ALA A 73 -10.38 -27.38 46.67
CA ALA A 73 -11.55 -28.18 46.25
C ALA A 73 -12.45 -28.56 47.42
N GLU A 74 -11.83 -28.89 48.55
CA GLU A 74 -12.57 -29.23 49.76
C GLU A 74 -13.49 -28.09 50.15
N ARG A 75 -13.16 -26.88 49.72
CA ARG A 75 -13.95 -25.70 50.05
C ARG A 75 -14.80 -25.22 48.90
N GLY A 76 -14.83 -25.98 47.80
CA GLY A 76 -15.66 -25.64 46.66
C GLY A 76 -14.96 -24.93 45.52
N GLY A 77 -13.63 -24.92 45.56
CA GLY A 77 -12.86 -24.25 44.54
C GLY A 77 -12.64 -22.79 44.92
N THR A 78 -12.00 -22.04 44.02
CA THR A 78 -11.36 -20.76 44.36
C THR A 78 -12.35 -19.69 44.83
N CYS A 79 -13.47 -19.57 44.11
CA CYS A 79 -14.43 -18.52 44.39
C CYS A 79 -15.21 -18.79 45.69
N LEU A 80 -15.70 -20.01 45.83
CA LEU A 80 -16.35 -20.42 47.07
C LEU A 80 -15.40 -20.35 48.27
N PHE A 81 -14.13 -20.66 48.05
CA PHE A 81 -13.10 -20.67 49.10
C PHE A 81 -12.99 -19.25 49.64
N LEU A 82 -12.89 -18.29 48.71
CA LEU A 82 -12.92 -16.86 49.08
C LEU A 82 -14.25 -16.24 49.55
N GLY A 83 -15.38 -16.84 49.20
CA GLY A 83 -16.64 -16.21 49.49
C GLY A 83 -16.90 -15.10 48.49
N GLU A 84 -16.45 -15.30 47.25
CA GLU A 84 -16.66 -14.34 46.15
C GLU A 84 -17.39 -14.92 44.96
N GLU A 85 -18.07 -14.07 44.20
CA GLU A 85 -18.46 -14.46 42.84
C GLU A 85 -17.21 -14.66 42.01
N CYS A 86 -17.22 -15.68 41.15
CA CYS A 86 -16.07 -15.90 40.29
C CYS A 86 -15.86 -14.75 39.33
N SER A 87 -14.60 -14.41 39.11
CA SER A 87 -14.21 -13.57 38.00
C SER A 87 -13.82 -14.48 36.88
N TYR A 88 -14.28 -14.15 35.68
CA TYR A 88 -14.06 -14.96 34.50
C TYR A 88 -13.40 -14.14 33.43
N TYR A 89 -12.44 -14.73 32.70
CA TYR A 89 -11.72 -14.00 31.68
C TYR A 89 -12.52 -14.07 30.40
N VAL A 90 -12.71 -12.93 29.75
CA VAL A 90 -13.41 -12.93 28.47
C VAL A 90 -12.39 -12.65 27.38
N ASN A 91 -12.04 -13.68 26.63
CA ASN A 91 -11.06 -13.57 25.56
C ASN A 91 -11.68 -12.96 24.33
N GLN A 92 -11.08 -11.92 23.83
CA GLN A 92 -11.60 -11.24 22.69
C GLN A 92 -10.58 -11.13 21.56
N SER A 93 -9.75 -12.16 21.42
CA SER A 93 -8.76 -12.19 20.35
C SER A 93 -9.42 -12.06 18.98
N GLY A 94 -10.57 -12.67 18.83
CA GLY A 94 -11.34 -12.63 17.58
C GLY A 94 -11.63 -11.21 17.10
N ILE A 95 -11.94 -10.31 18.03
CA ILE A 95 -12.25 -8.94 17.67
C ILE A 95 -10.96 -8.27 17.16
N VAL A 96 -9.87 -8.41 17.90
CA VAL A 96 -8.66 -7.68 17.53
C VAL A 96 -8.10 -8.24 16.25
N THR A 97 -8.08 -9.55 16.15
CA THR A 97 -7.66 -10.22 14.92
C THR A 97 -8.46 -9.70 13.71
N GLU A 98 -9.78 -9.59 13.89
CA GLU A 98 -10.62 -9.08 12.79
C GLU A 98 -10.26 -7.65 12.40
N LYS A 99 -10.15 -6.76 13.40
CA LYS A 99 -9.79 -5.36 13.11
C LYS A 99 -8.44 -5.22 12.40
N VAL A 100 -7.44 -5.98 12.86
CA VAL A 100 -6.12 -6.02 12.20
C VAL A 100 -6.20 -6.43 10.74
N LYS A 101 -6.97 -7.49 10.47
CA LYS A 101 -7.05 -7.99 9.11
C LYS A 101 -7.77 -6.94 8.24
N GLU A 102 -8.76 -6.26 8.81
CA GLU A 102 -9.43 -5.15 8.10
C GLU A 102 -8.48 -3.97 7.79
N ILE A 103 -7.67 -3.60 8.78
CA ILE A 103 -6.61 -2.62 8.53
C ILE A 103 -5.63 -3.05 7.42
N ARG A 104 -5.17 -4.29 7.46
CA ARG A 104 -4.30 -4.80 6.42
C ARG A 104 -5.01 -4.84 5.04
N ASP A 105 -6.33 -5.15 5.02
CA ASP A 105 -7.09 -5.07 3.77
C ASP A 105 -7.10 -3.65 3.24
N ARG A 106 -7.31 -2.70 4.14
CA ARG A 106 -7.36 -1.30 3.72
C ARG A 106 -6.03 -0.82 3.16
N ILE A 107 -4.91 -1.22 3.80
CA ILE A 107 -3.60 -0.98 3.22
C ILE A 107 -3.49 -1.54 1.80
N GLN A 108 -3.79 -2.80 1.63
CA GLN A 108 -3.72 -3.41 0.33
C GLN A 108 -4.65 -2.71 -0.64
N ARG A 109 -5.83 -2.34 -0.20
CA ARG A 109 -6.76 -1.73 -1.16
CA ARG A 109 -6.76 -1.75 -1.17
C ARG A 109 -6.24 -0.39 -1.65
N ARG A 110 -5.67 0.43 -0.73
CA ARG A 110 -5.11 1.71 -1.18
C ARG A 110 -3.99 1.51 -2.19
N ALA A 111 -3.08 0.59 -1.87
CA ALA A 111 -2.03 0.29 -2.86
C ALA A 111 -2.62 -0.24 -4.19
N GLU A 112 -3.63 -1.07 -4.07
CA GLU A 112 -4.23 -1.69 -5.24
C GLU A 112 -4.87 -0.63 -6.14
N GLU A 113 -5.53 0.31 -5.52
CA GLU A 113 -6.21 1.39 -6.21
C GLU A 113 -5.24 2.28 -6.91
N LEU A 114 -4.13 2.61 -6.28
CA LEU A 114 -3.13 3.37 -6.96
C LEU A 114 -2.54 2.59 -8.12
N ARG A 115 -2.31 1.29 -7.97
CA ARG A 115 -1.79 0.43 -9.06
C ARG A 115 -2.70 0.23 -10.31
N ASN A 116 -4.00 0.16 -10.06
CA ASN A 116 -4.99 -0.43 -10.93
C ASN A 116 -4.60 -1.87 -11.29
N GLY B 24 12.98 -12.89 0.55
CA GLY B 24 12.33 -13.94 -0.26
C GLY B 24 11.45 -13.29 -1.30
N SER B 25 10.14 -13.38 -1.08
CA SER B 25 9.16 -12.77 -1.97
C SER B 25 9.31 -11.25 -2.05
N THR B 26 9.42 -10.62 -0.89
CA THR B 26 9.55 -9.19 -0.85
C THR B 26 10.76 -8.73 -1.66
N GLN B 27 11.85 -9.41 -1.49
CA GLN B 27 13.06 -9.04 -2.14
C GLN B 27 12.89 -9.01 -3.64
N PHE B 28 12.30 -10.06 -4.15
CA PHE B 28 12.04 -10.15 -5.56
C PHE B 28 11.04 -9.13 -6.04
N TYR B 29 10.04 -8.82 -5.25
CA TYR B 29 9.10 -7.83 -5.67
C TYR B 29 9.85 -6.55 -5.96
N TYR B 30 10.67 -6.13 -5.03
CA TYR B 30 11.34 -4.85 -5.21
C TYR B 30 12.46 -4.85 -6.24
N LYS B 31 13.19 -5.96 -6.38
CA LYS B 31 14.08 -6.08 -7.52
C LYS B 31 13.35 -5.91 -8.87
N LEU B 32 12.23 -6.60 -9.05
CA LEU B 32 11.48 -6.49 -10.31
C LEU B 32 10.95 -5.07 -10.48
N SER B 33 10.42 -4.50 -9.40
CA SER B 33 9.95 -3.12 -9.44
C SER B 33 11.06 -2.20 -9.95
N GLN B 34 12.28 -2.38 -9.44
CA GLN B 34 13.42 -1.60 -9.92
C GLN B 34 13.77 -1.82 -11.38
N GLU B 35 13.79 -3.08 -11.81
CA GLU B 35 13.97 -3.38 -13.24
C GLU B 35 12.97 -2.60 -14.11
N LEU B 36 11.72 -2.71 -13.72
CA LEU B 36 10.63 -2.07 -14.43
C LEU B 36 10.86 -0.59 -14.51
N ASN B 37 11.14 0.02 -13.35
CA ASN B 37 11.31 1.46 -13.30
C ASN B 37 12.44 1.90 -14.20
N GLY B 38 13.57 1.18 -14.15
CA GLY B 38 14.70 1.57 -14.97
C GLY B 38 14.40 1.50 -16.45
N ASP B 39 13.74 0.42 -16.90
CA ASP B 39 13.32 0.35 -18.31
C ASP B 39 12.39 1.51 -18.66
N MET B 40 11.38 1.70 -17.81
CA MET B 40 10.30 2.64 -18.13
C MET B 40 10.73 4.09 -18.07
N GLU B 41 11.71 4.41 -17.24
CA GLU B 41 12.24 5.78 -17.24
C GLU B 41 12.78 6.11 -18.64
N ARG B 42 13.49 5.15 -19.21
CA ARG B 42 14.11 5.30 -20.51
C ARG B 42 13.04 5.31 -21.62
N VAL B 43 12.07 4.40 -21.53
CA VAL B 43 10.96 4.43 -22.47
C VAL B 43 10.22 5.78 -22.45
N ALA B 44 9.97 6.32 -21.26
CA ALA B 44 9.22 7.58 -21.18
C ALA B 44 10.04 8.74 -21.74
N ASP B 45 11.33 8.77 -21.39
CA ASP B 45 12.23 9.74 -22.01
C ASP B 45 12.09 9.66 -23.52
N SER B 46 12.19 8.44 -24.07
CA SER B 46 12.09 8.26 -25.51
C SER B 46 10.76 8.76 -26.07
N LEU B 47 9.64 8.35 -25.50
CA LEU B 47 8.35 8.79 -26.04
C LEU B 47 8.29 10.31 -26.07
N VAL B 48 8.84 10.95 -25.07
CA VAL B 48 8.79 12.38 -25.00
C VAL B 48 9.54 12.99 -26.16
N THR B 49 10.80 12.61 -26.25
CA THR B 49 11.68 13.08 -27.29
C THR B 49 11.07 12.87 -28.64
N LEU B 50 10.44 11.73 -28.81
CA LEU B 50 9.79 11.40 -30.05
C LEU B 50 8.67 12.36 -30.35
N GLN B 51 7.75 12.55 -29.43
CA GLN B 51 6.68 13.53 -29.58
C GLN B 51 7.22 14.93 -29.84
N ASP B 52 8.25 15.32 -29.09
CA ASP B 52 8.84 16.65 -29.28
C ASP B 52 9.36 16.85 -30.70
N GLN B 53 10.16 15.89 -31.15
CA GLN B 53 10.69 15.94 -32.50
C GLN B 53 9.59 16.04 -33.53
N LEU B 54 8.54 15.25 -33.33
CA LEU B 54 7.39 15.31 -34.23
C LEU B 54 6.80 16.71 -34.24
N ASN B 55 6.67 17.32 -33.05
CA ASN B 55 6.19 18.70 -33.00
C ASN B 55 7.08 19.64 -33.81
N SER B 56 8.40 19.55 -33.56
CA SER B 56 9.36 20.39 -34.28
C SER B 56 9.29 20.21 -35.80
N LEU B 57 9.26 18.95 -36.26
CA LEU B 57 9.20 18.67 -37.71
C LEU B 57 7.86 19.17 -38.29
N ALA B 58 6.79 18.85 -37.59
CA ALA B 58 5.43 19.28 -37.97
C ALA B 58 5.38 20.79 -38.22
N ALA B 59 5.99 21.58 -37.32
CA ALA B 59 6.07 23.04 -37.56
C ALA B 59 6.62 23.41 -38.95
N VAL B 60 7.78 22.84 -39.26
CA VAL B 60 8.44 23.12 -40.54
C VAL B 60 7.55 22.69 -41.71
N VAL B 61 6.96 21.50 -41.61
CA VAL B 61 6.03 20.99 -42.64
C VAL B 61 4.83 21.91 -42.87
N LEU B 62 4.08 22.15 -41.80
CA LEU B 62 2.92 23.02 -41.81
C LEU B 62 3.27 24.37 -42.45
N GLN B 63 4.40 24.95 -42.04
CA GLN B 63 4.86 26.21 -42.61
C GLN B 63 5.12 26.06 -44.11
N ASN B 64 5.84 25.00 -44.47
CA ASN B 64 6.07 24.63 -45.86
C ASN B 64 4.77 24.57 -46.68
N ARG B 65 3.72 23.98 -46.12
CA ARG B 65 2.44 23.88 -46.83
C ARG B 65 1.74 25.23 -47.00
N ARG B 66 1.96 26.15 -46.06
CA ARG B 66 1.36 27.48 -46.19
C ARG B 66 2.11 28.25 -47.26
N ALA B 67 3.44 28.10 -47.24
CA ALA B 67 4.27 28.63 -48.32
C ALA B 67 3.76 28.10 -49.66
N LEU B 68 3.77 26.80 -49.87
CA LEU B 68 3.24 26.22 -51.09
C LEU B 68 1.79 26.58 -51.33
N ASP B 69 1.02 26.73 -50.28
CA ASP B 69 -0.35 27.22 -50.40
C ASP B 69 -0.38 28.56 -51.15
N LEU B 70 0.42 29.52 -50.68
CA LEU B 70 0.54 30.82 -51.33
C LEU B 70 0.78 30.73 -52.83
N LEU B 71 1.66 29.81 -53.22
CA LEU B 71 1.93 29.56 -54.63
C LEU B 71 0.78 28.78 -55.28
N THR B 72 -0.32 29.49 -55.51
CA THR B 72 -1.55 28.98 -56.14
C THR B 72 -2.78 29.60 -55.47
N SER B 87 -2.27 15.09 -47.15
CA SER B 87 -3.49 15.89 -46.99
C SER B 87 -3.34 16.94 -45.88
N TYR B 88 -3.85 16.61 -44.69
CA TYR B 88 -3.84 17.53 -43.55
C TYR B 88 -3.31 16.82 -42.29
N TYR B 89 -2.38 17.48 -41.59
CA TYR B 89 -1.78 16.91 -40.39
C TYR B 89 -2.71 17.02 -39.19
N VAL B 90 -2.56 16.08 -38.26
CA VAL B 90 -3.37 16.06 -37.05
C VAL B 90 -2.48 15.90 -35.81
N ASN B 91 -2.20 17.00 -35.13
CA ASN B 91 -1.43 16.95 -33.90
C ASN B 91 -2.22 16.27 -32.77
N GLN B 92 -1.51 15.51 -31.96
CA GLN B 92 -2.10 14.78 -30.84
C GLN B 92 -1.07 14.70 -29.74
N SER B 93 -0.26 15.73 -29.69
CA SER B 93 0.75 15.81 -28.71
C SER B 93 0.15 15.61 -27.37
N GLY B 94 -1.08 16.04 -27.24
CA GLY B 94 -1.75 16.01 -25.98
C GLY B 94 -1.77 14.64 -25.36
N ILE B 95 -2.03 13.65 -26.19
CA ILE B 95 -2.29 12.29 -25.77
C ILE B 95 -1.03 11.62 -25.24
N VAL B 96 0.04 11.82 -25.96
CA VAL B 96 1.33 11.35 -25.54
C VAL B 96 1.85 12.08 -24.32
N THR B 97 1.63 13.36 -24.22
CA THR B 97 2.08 14.12 -23.09
C THR B 97 1.45 13.56 -21.80
N GLU B 98 0.19 13.20 -21.90
CA GLU B 98 -0.56 12.74 -20.76
C GLU B 98 -0.14 11.33 -20.38
N LYS B 99 0.09 10.53 -21.39
CA LYS B 99 0.53 9.17 -21.22
C LYS B 99 1.88 9.16 -20.55
N VAL B 100 2.81 9.96 -21.01
CA VAL B 100 4.13 10.01 -20.40
C VAL B 100 3.97 10.43 -18.95
N LYS B 101 3.12 11.44 -18.70
CA LYS B 101 2.88 11.91 -17.33
C LYS B 101 2.39 10.77 -16.43
N GLU B 102 1.44 9.98 -16.92
CA GLU B 102 0.95 8.83 -16.15
C GLU B 102 2.08 7.80 -15.90
N ILE B 103 2.84 7.48 -16.94
CA ILE B 103 3.91 6.49 -16.77
C ILE B 103 4.87 6.96 -15.68
N ARG B 104 5.29 8.22 -15.78
CA ARG B 104 6.18 8.84 -14.80
C ARG B 104 5.56 8.86 -13.41
N ASP B 105 4.26 9.16 -13.33
CA ASP B 105 3.58 9.11 -12.03
C ASP B 105 3.69 7.72 -11.42
N ARG B 106 3.55 6.67 -12.25
CA ARG B 106 3.59 5.31 -11.73
C ARG B 106 5.02 4.91 -11.30
N ILE B 107 5.99 5.25 -12.14
CA ILE B 107 7.38 5.08 -11.72
C ILE B 107 7.64 5.78 -10.36
N GLN B 108 7.19 7.03 -10.23
CA GLN B 108 7.39 7.77 -8.97
C GLN B 108 6.71 7.08 -7.77
N ARG B 109 5.44 6.68 -7.92
CA ARG B 109 4.76 5.93 -6.88
C ARG B 109 5.53 4.68 -6.41
N ARG B 110 5.98 3.89 -7.39
CA ARG B 110 6.67 2.63 -7.07
C ARG B 110 7.99 2.92 -6.37
N ALA B 111 8.76 3.87 -6.89
CA ALA B 111 9.97 4.28 -6.20
C ALA B 111 9.67 4.79 -4.76
N GLU B 112 8.63 5.61 -4.62
CA GLU B 112 8.27 6.20 -3.33
C GLU B 112 7.80 5.15 -2.34
N GLU B 113 7.29 4.05 -2.85
CA GLU B 113 6.76 3.00 -2.01
C GLU B 113 7.85 2.36 -1.17
N LEU B 114 8.87 1.89 -1.83
CA LEU B 114 10.01 1.25 -1.17
C LEU B 114 10.48 2.09 0.00
N ARG B 115 10.36 3.39 -0.11
CA ARG B 115 10.78 4.28 0.95
C ARG B 115 9.98 4.15 2.24
N ASN B 116 9.03 3.24 2.26
CA ASN B 116 8.15 3.04 3.42
C ASN B 116 7.94 1.57 3.81
#